data_7OPQ
#
_entry.id   7OPQ
#
_cell.length_a   61.710
_cell.length_b   76.816
_cell.length_c   117.818
_cell.angle_alpha   90.000
_cell.angle_beta   90.000
_cell.angle_gamma   90.000
#
_symmetry.space_group_name_H-M   'P 21 21 21'
#
loop_
_entity.id
_entity.type
_entity.pdbx_description
1 polymer 'Synaptotagmin-like protein 2,Ras-related protein Rab-27A'
2 non-polymer 1-[(2~{S})-2-(4-methoxyphenyl)pyrrolidin-1-yl]propan-1-one
3 non-polymer 'PHOSPHOAMINOPHOSPHONIC ACID-GUANYLATE ESTER'
4 non-polymer 'MAGNESIUM ION'
5 non-polymer GLYCEROL
6 water water
#
_entity_poly.entity_id   1
_entity_poly.type   'polypeptide(L)'
_entity_poly.pdbx_seq_one_letter_code
;HMSFLTEEEQEAIMKVLQRDAALKRAEEERGSGSGSGMSDGDYDYLIKFLALGDSGVGKTSVLYQYTDGKFNSKFITTVG
IDFREKRVVYRASGPDGATGRGQRIHLQLWDTAGLERFRSLTTAFFRDAMGFLLLFDLTNEQSFLNVRNWISQLQMHAYS
ENPDIVLCGNKSDLEDQRVVKEEEAIALAEKYGIPYFETSAANGTNISQAIEMLLDLIMKRMERCVDKS
;
_entity_poly.pdbx_strand_id   A,B
#
# COMPACT_ATOMS: atom_id res chain seq x y z
N HIS A 1 12.31 -18.23 12.45
CA HIS A 1 12.34 -18.83 11.11
C HIS A 1 11.04 -18.59 10.32
N MET A 2 10.71 -17.32 10.07
CA MET A 2 9.49 -16.99 9.33
C MET A 2 9.60 -17.44 7.88
N SER A 3 8.61 -18.19 7.41
CA SER A 3 8.65 -18.72 6.07
C SER A 3 8.33 -17.64 5.04
N PHE A 4 8.96 -17.74 3.88
CA PHE A 4 8.58 -16.86 2.79
C PHE A 4 7.23 -17.28 2.26
N LEU A 5 6.54 -16.34 1.62
CA LEU A 5 5.28 -16.66 0.95
C LEU A 5 5.48 -17.72 -0.10
N THR A 6 4.64 -18.75 -0.05
CA THR A 6 4.61 -19.74 -1.10
C THR A 6 3.95 -19.16 -2.33
N GLU A 7 4.00 -19.90 -3.44
CA GLU A 7 3.43 -19.35 -4.66
C GLU A 7 1.90 -19.35 -4.62
N GLU A 8 1.32 -20.28 -3.87
CA GLU A 8 -0.12 -20.25 -3.61
C GLU A 8 -0.49 -19.03 -2.77
N GLU A 9 0.26 -18.78 -1.70
CA GLU A 9 0.04 -17.58 -0.90
C GLU A 9 0.15 -16.31 -1.73
N GLN A 10 1.17 -16.23 -2.60
CA GLN A 10 1.39 -15.00 -3.36
C GLN A 10 0.28 -14.77 -4.36
N GLU A 11 -0.21 -15.86 -4.99
CA GLU A 11 -1.30 -15.73 -5.95
C GLU A 11 -2.56 -15.19 -5.28
N ALA A 12 -2.86 -15.71 -4.10
CA ALA A 12 -4.03 -15.23 -3.35
C ALA A 12 -3.91 -13.74 -3.06
N ILE A 13 -2.72 -13.29 -2.63
CA ILE A 13 -2.54 -11.87 -2.35
C ILE A 13 -2.69 -11.04 -3.63
N MET A 14 -2.14 -11.53 -4.76
CA MET A 14 -2.22 -10.80 -6.03
C MET A 14 -3.66 -10.67 -6.51
N LYS A 15 -4.47 -11.71 -6.33
CA LYS A 15 -5.89 -11.61 -6.66
C LYS A 15 -6.56 -10.51 -5.84
N VAL A 16 -6.22 -10.43 -4.55
CA VAL A 16 -6.80 -9.36 -3.73
C VAL A 16 -6.41 -8.01 -4.31
N LEU A 17 -5.13 -7.84 -4.68
CA LEU A 17 -4.67 -6.55 -5.20
C LEU A 17 -5.35 -6.24 -6.52
N GLN A 18 -5.52 -7.24 -7.37
CA GLN A 18 -6.27 -7.07 -8.60
C GLN A 18 -7.69 -6.58 -8.31
N ARG A 19 -8.39 -7.26 -7.39
CA ARG A 19 -9.74 -6.83 -6.99
C ARG A 19 -9.75 -5.41 -6.46
N ASP A 20 -8.72 -5.02 -5.70
CA ASP A 20 -8.66 -3.66 -5.17
C ASP A 20 -8.48 -2.64 -6.29
N ALA A 21 -7.61 -2.94 -7.25
CA ALA A 21 -7.39 -2.04 -8.38
C ALA A 21 -8.67 -1.85 -9.19
N ALA A 22 -9.38 -2.95 -9.47
CA ALA A 22 -10.67 -2.84 -10.14
C ALA A 22 -11.60 -1.91 -9.38
N LEU A 23 -11.72 -2.12 -8.07
CA LEU A 23 -12.56 -1.26 -7.26
C LEU A 23 -12.09 0.19 -7.34
N LYS A 24 -10.78 0.41 -7.19
CA LYS A 24 -10.28 1.78 -7.18
C LYS A 24 -10.49 2.48 -8.51
N ARG A 25 -10.48 1.74 -9.62
CA ARG A 25 -10.75 2.37 -10.91
C ARG A 25 -12.21 2.73 -11.07
N ALA A 26 -13.12 1.92 -10.50
CA ALA A 26 -14.54 2.22 -10.63
C ALA A 26 -14.92 3.54 -9.98
N GLU A 27 -14.23 3.93 -8.91
CA GLU A 27 -14.52 5.23 -8.31
C GLU A 27 -14.05 6.40 -9.15
N GLU A 28 -13.14 6.15 -10.11
CA GLU A 28 -12.61 7.13 -11.09
C GLU A 28 -11.55 8.01 -10.44
N ASP A 42 -24.15 3.27 -8.30
CA ASP A 42 -23.27 4.37 -7.92
C ASP A 42 -23.45 4.71 -6.44
N TYR A 43 -22.56 5.55 -5.93
CA TYR A 43 -22.55 5.94 -4.52
C TYR A 43 -21.93 7.32 -4.40
N ASP A 44 -21.96 7.87 -3.20
CA ASP A 44 -21.45 9.21 -2.96
C ASP A 44 -20.04 9.23 -2.37
N TYR A 45 -19.63 8.19 -1.63
CA TYR A 45 -18.29 8.16 -1.05
C TYR A 45 -17.79 6.73 -0.92
N LEU A 46 -16.54 6.51 -1.31
CA LEU A 46 -15.83 5.27 -0.99
C LEU A 46 -15.07 5.49 0.33
N ILE A 47 -15.47 4.76 1.37
CA ILE A 47 -14.83 4.86 2.67
C ILE A 47 -14.09 3.56 2.94
N LYS A 48 -12.87 3.68 3.47
CA LYS A 48 -11.97 2.55 3.67
C LYS A 48 -11.63 2.43 5.15
N PHE A 49 -11.91 1.26 5.72
CA PHE A 49 -11.52 0.87 7.07
C PHE A 49 -10.49 -0.25 6.98
N LEU A 50 -9.77 -0.46 8.08
CA LEU A 50 -8.83 -1.58 8.15
C LEU A 50 -8.90 -2.19 9.54
N ALA A 51 -9.04 -3.52 9.60
CA ALA A 51 -9.05 -4.25 10.86
C ALA A 51 -7.67 -4.83 11.10
N LEU A 52 -7.20 -4.72 12.34
CA LEU A 52 -5.87 -5.21 12.73
C LEU A 52 -5.94 -5.71 14.16
N GLY A 53 -4.91 -6.46 14.57
CA GLY A 53 -4.88 -7.09 15.88
C GLY A 53 -4.19 -8.44 15.83
N ASP A 54 -3.96 -9.04 16.99
CA ASP A 54 -3.20 -10.30 17.01
C ASP A 54 -3.95 -11.36 16.20
N SER A 55 -3.19 -12.33 15.70
CA SER A 55 -3.83 -13.42 14.99
C SER A 55 -4.81 -14.16 15.89
N GLY A 56 -5.97 -14.47 15.35
CA GLY A 56 -6.95 -15.26 16.06
C GLY A 56 -7.92 -14.49 16.94
N VAL A 57 -7.90 -13.16 16.91
CA VAL A 57 -8.84 -12.38 17.73
C VAL A 57 -10.22 -12.25 17.08
N GLY A 58 -10.36 -12.50 15.79
CA GLY A 58 -11.64 -12.46 15.14
C GLY A 58 -11.87 -11.35 14.13
N LYS A 59 -10.81 -10.79 13.54
CA LYS A 59 -10.99 -9.71 12.56
C LYS A 59 -11.80 -10.18 11.37
N THR A 60 -11.43 -11.33 10.81
CA THR A 60 -12.14 -11.84 9.65
C THR A 60 -13.58 -12.15 9.99
N SER A 61 -13.79 -12.83 11.12
CA SER A 61 -15.15 -13.14 11.59
C SER A 61 -15.98 -11.89 11.79
N VAL A 62 -15.41 -10.86 12.42
CA VAL A 62 -16.17 -9.64 12.69
C VAL A 62 -16.65 -9.03 11.37
N LEU A 63 -15.77 -8.95 10.36
CA LEU A 63 -16.15 -8.33 9.10
C LEU A 63 -17.18 -9.18 8.34
N TYR A 64 -17.02 -10.50 8.39
CA TYR A 64 -17.98 -11.42 7.80
C TYR A 64 -19.33 -11.32 8.47
N GLN A 65 -19.36 -11.27 9.82
CA GLN A 65 -20.63 -11.08 10.50
C GLN A 65 -21.29 -9.79 10.06
N TYR A 66 -20.50 -8.73 9.90
CA TYR A 66 -21.06 -7.45 9.53
C TYR A 66 -21.60 -7.46 8.09
N THR A 67 -20.82 -7.95 7.12
CA THR A 67 -21.33 -7.82 5.75
C THR A 67 -22.40 -8.86 5.43
N ASP A 68 -22.27 -10.08 5.94
CA ASP A 68 -23.12 -11.19 5.55
C ASP A 68 -23.98 -11.75 6.67
N GLY A 69 -23.76 -11.33 7.92
CA GLY A 69 -24.55 -11.91 9.00
C GLY A 69 -24.31 -13.37 9.27
N LYS A 70 -23.10 -13.88 9.04
CA LYS A 70 -22.80 -15.31 9.18
C LYS A 70 -21.54 -15.52 10.00
N PHE A 71 -21.36 -16.76 10.47
CA PHE A 71 -20.26 -17.06 11.36
C PHE A 71 -19.82 -18.49 11.12
N ASN A 72 -18.51 -18.70 11.11
CA ASN A 72 -17.93 -20.02 10.93
C ASN A 72 -17.00 -20.32 12.10
N SER A 73 -17.23 -21.42 12.78
CA SER A 73 -16.41 -21.80 13.94
C SER A 73 -14.99 -22.19 13.55
N LYS A 74 -14.80 -22.66 12.32
CA LYS A 74 -13.48 -23.16 11.91
C LYS A 74 -12.53 -21.99 11.70
N PHE A 75 -11.28 -22.15 12.15
CA PHE A 75 -10.29 -21.09 12.08
C PHE A 75 -9.58 -21.20 10.74
N ILE A 76 -9.80 -20.23 9.85
CA ILE A 76 -9.11 -20.16 8.56
C ILE A 76 -8.30 -18.86 8.57
N THR A 77 -7.03 -18.97 8.97
CA THR A 77 -6.19 -17.81 9.13
C THR A 77 -6.03 -17.07 7.80
N THR A 78 -5.98 -15.74 7.87
CA THR A 78 -5.99 -14.91 6.67
C THR A 78 -4.62 -14.91 5.98
N VAL A 79 -4.63 -15.09 4.66
CA VAL A 79 -3.35 -15.18 3.89
C VAL A 79 -2.95 -13.75 3.58
N GLY A 80 -2.36 -13.09 4.57
CA GLY A 80 -1.81 -11.76 4.41
C GLY A 80 -2.77 -10.61 4.47
N ILE A 81 -3.67 -10.51 3.50
CA ILE A 81 -4.53 -9.35 3.36
C ILE A 81 -5.76 -9.80 2.59
N ASP A 82 -6.90 -9.20 2.91
CA ASP A 82 -8.14 -9.41 2.17
C ASP A 82 -9.01 -8.20 2.43
N PHE A 83 -10.18 -8.15 1.78
CA PHE A 83 -11.14 -7.10 2.10
C PHE A 83 -12.54 -7.56 1.72
N ARG A 84 -13.53 -7.02 2.42
CA ARG A 84 -14.93 -7.21 2.10
C ARG A 84 -15.54 -5.86 1.77
N GLU A 85 -16.77 -5.88 1.26
CA GLU A 85 -17.44 -4.68 0.80
C GLU A 85 -18.86 -4.62 1.34
N LYS A 86 -19.36 -3.40 1.53
CA LYS A 86 -20.74 -3.22 1.94
C LYS A 86 -21.24 -1.86 1.50
N ARG A 87 -22.41 -1.83 0.88
CA ARG A 87 -23.07 -0.58 0.59
C ARG A 87 -24.04 -0.27 1.72
N VAL A 88 -23.90 0.92 2.29
CA VAL A 88 -24.70 1.34 3.42
C VAL A 88 -25.15 2.77 3.17
N VAL A 89 -26.09 3.23 3.99
CA VAL A 89 -26.58 4.59 3.94
C VAL A 89 -26.23 5.27 5.25
N TYR A 90 -25.52 6.38 5.15
CA TYR A 90 -25.12 7.14 6.33
C TYR A 90 -25.94 8.42 6.41
N ARG A 91 -26.34 8.79 7.62
CA ARG A 91 -27.06 10.02 7.88
C ARG A 91 -26.32 10.72 9.01
N ALA A 92 -25.85 11.93 8.77
CA ALA A 92 -25.19 12.68 9.81
C ALA A 92 -26.15 12.96 10.96
N SER A 93 -25.58 13.23 12.12
CA SER A 93 -26.32 13.60 13.32
C SER A 93 -25.82 14.97 13.76
N GLY A 94 -26.68 15.97 13.71
CA GLY A 94 -26.27 17.33 13.93
C GLY A 94 -26.77 17.93 15.23
N PRO A 95 -27.74 18.86 15.13
CA PRO A 95 -28.24 19.52 16.34
C PRO A 95 -29.50 18.87 16.91
N ASP A 96 -29.42 18.41 18.16
CA ASP A 96 -30.57 17.84 18.88
C ASP A 96 -31.12 16.62 18.15
N GLY A 97 -30.23 15.82 17.58
CA GLY A 97 -30.65 14.65 16.84
C GLY A 97 -31.32 14.94 15.52
N ALA A 98 -30.93 16.03 14.84
CA ALA A 98 -31.45 16.38 13.51
C ALA A 98 -30.64 15.63 12.46
N THR A 99 -31.22 14.58 11.90
CA THR A 99 -30.50 13.66 11.03
C THR A 99 -30.59 14.12 9.58
N GLY A 100 -29.43 14.16 8.91
CA GLY A 100 -29.34 14.69 7.58
C GLY A 100 -29.80 13.70 6.52
N ARG A 101 -29.56 14.10 5.27
CA ARG A 101 -29.92 13.27 4.14
C ARG A 101 -29.15 11.96 4.17
N GLY A 102 -29.72 10.95 3.54
CA GLY A 102 -29.03 9.68 3.44
C GLY A 102 -27.96 9.77 2.39
N GLN A 103 -26.73 9.49 2.76
CA GLN A 103 -25.61 9.47 1.83
C GLN A 103 -25.22 8.04 1.54
N ARG A 104 -25.04 7.72 0.27
CA ARG A 104 -24.68 6.36 -0.11
C ARG A 104 -23.18 6.17 0.10
N ILE A 105 -22.82 5.15 0.89
CA ILE A 105 -21.45 4.86 1.25
C ILE A 105 -21.09 3.49 0.73
N HIS A 106 -19.98 3.40 0.04
CA HIS A 106 -19.39 2.12 -0.33
C HIS A 106 -18.25 1.86 0.64
N LEU A 107 -18.41 0.89 1.54
CA LEU A 107 -17.36 0.57 2.49
C LEU A 107 -16.42 -0.46 1.91
N GLN A 108 -15.12 -0.16 1.94
CA GLN A 108 -14.11 -1.18 1.71
C GLN A 108 -13.51 -1.52 3.05
N LEU A 109 -13.63 -2.78 3.46
CA LEU A 109 -13.23 -3.19 4.80
C LEU A 109 -12.00 -4.09 4.68
N TRP A 110 -10.83 -3.51 4.92
CA TRP A 110 -9.59 -4.26 4.84
C TRP A 110 -9.44 -5.13 6.08
N ASP A 111 -8.94 -6.34 5.87
CA ASP A 111 -8.76 -7.36 6.89
C ASP A 111 -7.31 -7.83 6.80
N THR A 112 -6.50 -7.53 7.83
CA THR A 112 -5.08 -7.89 7.81
C THR A 112 -4.83 -9.18 8.59
N ALA A 113 -3.78 -9.89 8.21
CA ALA A 113 -3.34 -11.02 9.02
C ALA A 113 -2.56 -10.52 10.23
N GLY A 114 -2.78 -11.16 11.37
CA GLY A 114 -2.05 -10.74 12.57
C GLY A 114 -0.68 -11.37 12.77
N LEU A 115 -0.40 -12.48 12.09
CA LEU A 115 0.86 -13.18 12.30
C LEU A 115 2.05 -12.36 11.82
N GLU A 116 3.12 -12.36 12.61
CA GLU A 116 4.31 -11.56 12.36
C GLU A 116 4.89 -11.73 10.95
N ARG A 117 4.81 -12.93 10.37
CA ARG A 117 5.39 -13.15 9.05
C ARG A 117 4.76 -12.29 7.96
N PHE A 118 3.57 -11.71 8.23
CA PHE A 118 2.87 -10.84 7.30
C PHE A 118 2.95 -9.36 7.70
N ARG A 119 3.73 -9.02 8.75
CA ARG A 119 3.65 -7.69 9.34
C ARG A 119 3.99 -6.58 8.35
N SER A 120 5.03 -6.78 7.54
CA SER A 120 5.41 -5.70 6.65
C SER A 120 4.46 -5.61 5.46
N LEU A 121 3.89 -6.73 5.03
CA LEU A 121 2.88 -6.66 4.00
C LEU A 121 1.63 -5.92 4.49
N THR A 122 1.17 -6.24 5.70
CA THR A 122 -0.04 -5.60 6.21
C THR A 122 0.22 -4.13 6.56
N THR A 123 1.40 -3.82 7.12
CA THR A 123 1.69 -2.42 7.46
C THR A 123 1.65 -1.52 6.23
N ALA A 124 1.98 -2.07 5.05
CA ALA A 124 1.91 -1.30 3.81
C ALA A 124 0.50 -0.80 3.52
N PHE A 125 -0.53 -1.39 4.12
CA PHE A 125 -1.90 -0.99 3.86
C PHE A 125 -2.43 -0.04 4.91
N PHE A 126 -1.70 0.19 6.02
CA PHE A 126 -2.13 1.17 7.01
C PHE A 126 -2.35 2.53 6.37
N ARG A 127 -1.59 2.85 5.34
CA ARG A 127 -1.70 4.18 4.74
C ARG A 127 -2.92 4.31 3.84
N ASP A 128 -3.53 3.20 3.41
CA ASP A 128 -4.72 3.25 2.57
C ASP A 128 -6.01 3.38 3.36
N ALA A 129 -5.97 3.30 4.68
CA ALA A 129 -7.19 3.29 5.48
C ALA A 129 -7.50 4.67 6.01
N MET A 130 -8.79 4.99 6.08
CA MET A 130 -9.25 6.23 6.70
C MET A 130 -9.52 6.07 8.18
N GLY A 131 -9.60 4.85 8.68
CA GLY A 131 -9.82 4.60 10.09
C GLY A 131 -9.54 3.14 10.38
N PHE A 132 -9.51 2.82 11.68
CA PHE A 132 -9.03 1.50 12.06
C PHE A 132 -9.96 0.87 13.08
N LEU A 133 -10.14 -0.42 12.91
CA LEU A 133 -10.86 -1.27 13.86
C LEU A 133 -9.79 -2.12 14.53
N LEU A 134 -9.51 -1.81 15.78
CA LEU A 134 -8.43 -2.44 16.51
C LEU A 134 -9.03 -3.45 17.47
N LEU A 135 -8.73 -4.72 17.27
CA LEU A 135 -9.37 -5.80 18.00
C LEU A 135 -8.41 -6.47 18.95
N PHE A 136 -8.94 -6.88 20.11
CA PHE A 136 -8.30 -7.92 20.90
C PHE A 136 -9.35 -8.96 21.25
N ASP A 137 -8.90 -10.02 21.89
CA ASP A 137 -9.72 -11.17 22.24
C ASP A 137 -9.96 -11.17 23.75
N LEU A 138 -11.23 -11.00 24.16
CA LEU A 138 -11.57 -10.97 25.58
C LEU A 138 -11.15 -12.22 26.32
N THR A 139 -10.87 -13.32 25.61
CA THR A 139 -10.42 -14.54 26.25
C THR A 139 -8.91 -14.72 26.20
N ASN A 140 -8.16 -13.70 25.78
CA ASN A 140 -6.69 -13.81 25.63
C ASN A 140 -6.00 -12.54 26.12
N GLU A 141 -5.43 -12.60 27.33
CA GLU A 141 -4.87 -11.39 27.93
C GLU A 141 -3.70 -10.82 27.13
N GLN A 142 -2.91 -11.69 26.49
CA GLN A 142 -1.80 -11.16 25.69
C GLN A 142 -2.29 -10.36 24.50
N SER A 143 -3.34 -10.83 23.81
CA SER A 143 -3.91 -10.03 22.72
C SER A 143 -4.30 -8.64 23.22
N PHE A 144 -4.79 -8.55 24.46
CA PHE A 144 -5.11 -7.23 24.99
C PHE A 144 -3.86 -6.45 25.37
N LEU A 145 -2.85 -7.11 25.93
CA LEU A 145 -1.67 -6.34 26.28
C LEU A 145 -0.94 -5.82 25.05
N ASN A 146 -1.11 -6.45 23.89
CA ASN A 146 -0.44 -5.94 22.70
C ASN A 146 -1.14 -4.72 22.12
N VAL A 147 -2.31 -4.33 22.63
CA VAL A 147 -3.06 -3.23 22.03
C VAL A 147 -2.22 -1.96 21.99
N ARG A 148 -1.43 -1.72 23.04
CA ARG A 148 -0.65 -0.49 23.11
C ARG A 148 0.39 -0.43 22.00
N ASN A 149 0.99 -1.57 21.67
CA ASN A 149 1.95 -1.63 20.56
C ASN A 149 1.26 -1.42 19.21
N TRP A 150 0.11 -2.06 18.99
CA TRP A 150 -0.65 -1.81 17.76
C TRP A 150 -0.93 -0.31 17.60
N ILE A 151 -1.40 0.33 18.67
CA ILE A 151 -1.72 1.76 18.55
C ILE A 151 -0.46 2.57 18.23
N SER A 152 0.66 2.25 18.88
CA SER A 152 1.90 2.94 18.52
C SER A 152 2.24 2.68 17.05
N GLN A 153 2.02 1.46 16.55
CA GLN A 153 2.29 1.21 15.14
C GLN A 153 1.34 2.02 14.24
N LEU A 154 0.08 2.18 14.64
CA LEU A 154 -0.82 3.01 13.85
C LEU A 154 -0.41 4.48 13.84
N GLN A 155 -0.01 5.01 15.01
CA GLN A 155 0.39 6.42 15.07
C GLN A 155 1.60 6.69 14.18
N MET A 156 2.45 5.69 14.03
CA MET A 156 3.66 5.85 13.24
C MET A 156 3.41 5.69 11.74
N HIS A 157 2.37 4.93 11.33
CA HIS A 157 2.22 4.57 9.92
C HIS A 157 0.97 5.09 9.24
N ALA A 158 0.00 5.62 9.97
CA ALA A 158 -1.26 6.05 9.37
C ALA A 158 -1.12 7.42 8.70
N TYR A 159 -2.20 7.86 8.04
CA TYR A 159 -2.22 9.15 7.34
C TYR A 159 -2.02 10.32 8.30
N SER A 160 -2.38 10.13 9.57
CA SER A 160 -2.23 11.11 10.63
C SER A 160 -1.68 10.41 11.85
N GLU A 161 -0.94 11.13 12.69
CA GLU A 161 -0.51 10.52 13.93
C GLU A 161 -1.66 10.31 14.92
N ASN A 162 -2.85 10.84 14.62
CA ASN A 162 -4.04 10.63 15.46
C ASN A 162 -5.20 10.13 14.60
N PRO A 163 -5.08 8.96 14.00
CA PRO A 163 -6.18 8.46 13.16
C PRO A 163 -7.33 7.98 14.04
N ASP A 164 -8.51 7.93 13.45
CA ASP A 164 -9.64 7.38 14.18
C ASP A 164 -9.49 5.87 14.36
N ILE A 165 -9.72 5.42 15.60
CA ILE A 165 -9.60 4.04 16.01
C ILE A 165 -10.83 3.69 16.86
N VAL A 166 -11.43 2.53 16.61
CA VAL A 166 -12.43 1.96 17.51
C VAL A 166 -11.84 0.67 18.06
N LEU A 167 -11.81 0.57 19.38
CA LEU A 167 -11.30 -0.61 20.04
C LEU A 167 -12.44 -1.60 20.22
N CYS A 168 -12.23 -2.86 19.84
CA CYS A 168 -13.21 -3.91 20.03
C CYS A 168 -12.58 -5.04 20.83
N GLY A 169 -13.19 -5.36 21.96
CA GLY A 169 -12.87 -6.57 22.65
C GLY A 169 -13.84 -7.62 22.16
N ASN A 170 -13.35 -8.57 21.39
CA ASN A 170 -14.17 -9.52 20.66
C ASN A 170 -14.34 -10.82 21.46
N LYS A 171 -15.28 -11.65 21.02
CA LYS A 171 -15.62 -12.93 21.65
C LYS A 171 -16.32 -12.73 23.01
N SER A 172 -17.18 -11.71 23.10
CA SER A 172 -17.93 -11.48 24.33
C SER A 172 -18.93 -12.58 24.62
N ASP A 173 -19.24 -13.44 23.66
CA ASP A 173 -20.16 -14.55 23.89
C ASP A 173 -19.52 -15.70 24.66
N LEU A 174 -18.19 -15.68 24.82
CA LEU A 174 -17.50 -16.76 25.54
C LEU A 174 -17.28 -16.32 26.98
N GLU A 175 -18.40 -16.17 27.70
CA GLU A 175 -18.32 -15.56 29.03
C GLU A 175 -17.57 -16.43 30.03
N ASP A 176 -17.58 -17.75 29.86
CA ASP A 176 -16.87 -18.59 30.81
C ASP A 176 -15.37 -18.63 30.56
N GLN A 177 -14.89 -18.07 29.45
CA GLN A 177 -13.48 -18.03 29.15
C GLN A 177 -12.92 -16.62 29.17
N ARG A 178 -13.74 -15.63 29.50
CA ARG A 178 -13.24 -14.26 29.58
C ARG A 178 -12.11 -14.17 30.60
N VAL A 179 -11.02 -13.50 30.22
CA VAL A 179 -9.94 -13.20 31.16
C VAL A 179 -9.62 -11.71 31.22
N VAL A 180 -10.00 -10.91 30.24
CA VAL A 180 -9.72 -9.49 30.27
C VAL A 180 -10.80 -8.82 31.10
N LYS A 181 -10.40 -8.22 32.21
CA LYS A 181 -11.36 -7.51 33.03
C LYS A 181 -11.81 -6.25 32.31
N GLU A 182 -13.11 -5.98 32.37
CA GLU A 182 -13.69 -4.83 31.70
C GLU A 182 -13.03 -3.52 32.11
N GLU A 183 -12.65 -3.41 33.39
CA GLU A 183 -12.10 -2.17 33.91
C GLU A 183 -10.80 -1.79 33.23
N GLU A 184 -9.91 -2.76 33.02
CA GLU A 184 -8.63 -2.42 32.41
C GLU A 184 -8.81 -1.94 30.96
N ALA A 185 -9.75 -2.52 30.22
CA ALA A 185 -9.94 -2.13 28.83
C ALA A 185 -10.64 -0.77 28.71
N ILE A 186 -11.65 -0.53 29.55
CA ILE A 186 -12.27 0.79 29.54
C ILE A 186 -11.25 1.85 29.93
N ALA A 187 -10.39 1.53 30.91
CA ALA A 187 -9.34 2.46 31.33
C ALA A 187 -8.39 2.73 30.17
N LEU A 188 -7.96 1.67 29.47
CA LEU A 188 -7.07 1.86 28.31
C LEU A 188 -7.74 2.73 27.24
N ALA A 189 -9.00 2.46 26.91
CA ALA A 189 -9.68 3.26 25.89
C ALA A 189 -9.85 4.70 26.33
N GLU A 190 -10.15 4.93 27.61
N GLU A 190 -10.16 4.92 27.62
CA GLU A 190 -10.25 6.29 28.11
CA GLU A 190 -10.25 6.28 28.13
C GLU A 190 -8.90 7.00 28.03
C GLU A 190 -8.91 7.00 28.05
N LYS A 191 -7.83 6.33 28.45
CA LYS A 191 -6.49 6.92 28.39
C LYS A 191 -6.14 7.35 26.97
N TYR A 192 -6.55 6.58 25.97
CA TYR A 192 -6.21 6.93 24.59
C TYR A 192 -7.26 7.77 23.89
N GLY A 193 -8.42 7.98 24.51
CA GLY A 193 -9.47 8.76 23.85
C GLY A 193 -10.17 8.05 22.70
N ILE A 194 -10.32 6.73 22.77
CA ILE A 194 -10.93 6.03 21.65
C ILE A 194 -12.13 5.22 22.12
N PRO A 195 -13.16 5.10 21.28
CA PRO A 195 -14.34 4.33 21.66
C PRO A 195 -14.01 2.86 21.86
N TYR A 196 -14.76 2.22 22.76
CA TYR A 196 -14.56 0.82 23.10
C TYR A 196 -15.87 0.07 23.03
N PHE A 197 -15.86 -1.09 22.40
CA PHE A 197 -17.03 -1.94 22.33
C PHE A 197 -16.62 -3.37 22.65
N GLU A 198 -17.45 -4.06 23.42
CA GLU A 198 -17.31 -5.49 23.52
C GLU A 198 -18.22 -6.10 22.45
N THR A 199 -17.63 -6.90 21.58
CA THR A 199 -18.33 -7.41 20.40
C THR A 199 -18.34 -8.92 20.41
N SER A 200 -19.27 -9.50 19.66
CA SER A 200 -19.18 -10.92 19.37
C SER A 200 -19.44 -11.13 17.88
N ALA A 201 -18.46 -11.67 17.17
CA ALA A 201 -18.68 -12.03 15.78
C ALA A 201 -19.61 -13.22 15.63
N ALA A 202 -19.74 -14.05 16.66
CA ALA A 202 -20.61 -15.22 16.55
C ALA A 202 -22.08 -14.83 16.55
N ASN A 203 -22.47 -13.88 17.42
CA ASN A 203 -23.89 -13.51 17.51
C ASN A 203 -24.19 -12.08 17.08
N GLY A 204 -23.19 -11.30 16.66
CA GLY A 204 -23.42 -9.99 16.10
C GLY A 204 -23.48 -8.85 17.10
N THR A 205 -23.42 -9.12 18.40
CA THR A 205 -23.55 -8.03 19.39
C THR A 205 -22.50 -6.96 19.14
N ASN A 206 -22.95 -5.71 19.01
CA ASN A 206 -22.14 -4.50 18.88
C ASN A 206 -21.31 -4.42 17.60
N ILE A 207 -21.38 -5.41 16.71
CA ILE A 207 -20.61 -5.35 15.48
C ILE A 207 -20.98 -4.10 14.68
N SER A 208 -22.27 -3.94 14.37
CA SER A 208 -22.66 -2.79 13.56
C SER A 208 -22.53 -1.49 14.33
N GLN A 209 -22.70 -1.51 15.66
CA GLN A 209 -22.51 -0.29 16.43
C GLN A 209 -21.07 0.19 16.35
N ALA A 210 -20.11 -0.73 16.46
CA ALA A 210 -18.70 -0.34 16.44
C ALA A 210 -18.30 0.19 15.07
N ILE A 211 -18.77 -0.46 14.01
CA ILE A 211 -18.39 -0.05 12.66
C ILE A 211 -19.11 1.25 12.29
N GLU A 212 -20.36 1.41 12.73
CA GLU A 212 -21.05 2.66 12.48
C GLU A 212 -20.43 3.80 13.29
N MET A 213 -19.95 3.51 14.49
CA MET A 213 -19.25 4.54 15.23
C MET A 213 -18.00 4.98 14.47
N LEU A 214 -17.23 4.02 13.95
CA LEU A 214 -16.04 4.40 13.20
C LEU A 214 -16.41 5.19 11.96
N LEU A 215 -17.46 4.77 11.26
CA LEU A 215 -17.90 5.51 10.06
C LEU A 215 -18.33 6.92 10.42
N ASP A 216 -19.08 7.08 11.51
CA ASP A 216 -19.49 8.42 11.91
C ASP A 216 -18.29 9.32 12.21
N LEU A 217 -17.29 8.79 12.93
CA LEU A 217 -16.07 9.54 13.22
C LEU A 217 -15.39 10.01 11.96
N ILE A 218 -15.42 9.20 10.92
CA ILE A 218 -14.69 9.55 9.71
C ILE A 218 -15.49 10.54 8.87
N MET A 219 -16.82 10.37 8.83
CA MET A 219 -17.65 11.33 8.11
C MET A 219 -17.55 12.72 8.75
N LYS A 220 -17.52 12.77 10.09
CA LYS A 220 -17.39 14.06 10.76
C LYS A 220 -16.05 14.71 10.44
N ARG A 221 -14.97 13.93 10.53
CA ARG A 221 -13.65 14.46 10.20
C ARG A 221 -13.58 14.85 8.73
N MET A 222 -14.33 14.18 7.87
CA MET A 222 -14.34 14.55 6.47
C MET A 222 -15.12 15.85 6.25
N GLU A 223 -16.17 16.06 7.04
CA GLU A 223 -16.99 17.27 6.89
C GLU A 223 -16.20 18.52 7.23
N ARG A 224 -15.48 18.50 8.34
CA ARG A 224 -14.69 19.65 8.73
C ARG A 224 -13.29 19.56 8.12
N CYS A 225 -12.38 19.16 7.10
CA CYS A 225 -12.26 19.58 5.72
C CYS A 225 -13.62 20.06 5.20
N SER B 3 16.07 -20.62 2.62
CA SER B 3 16.05 -19.29 3.22
C SER B 3 14.69 -18.92 3.79
N PHE B 4 14.72 -18.13 4.86
CA PHE B 4 13.52 -17.66 5.55
C PHE B 4 13.47 -16.14 5.59
N LEU B 5 12.26 -15.61 5.77
CA LEU B 5 12.11 -14.19 6.04
C LEU B 5 12.80 -13.85 7.35
N THR B 6 13.88 -13.11 7.31
CA THR B 6 14.56 -12.73 8.55
C THR B 6 13.92 -11.48 9.16
N GLU B 7 14.28 -11.21 10.42
CA GLU B 7 13.75 -10.01 11.05
C GLU B 7 14.51 -8.76 10.64
N GLU B 8 15.77 -8.90 10.22
CA GLU B 8 16.47 -7.77 9.61
C GLU B 8 15.79 -7.36 8.31
N GLU B 9 15.44 -8.33 7.46
CA GLU B 9 14.70 -8.02 6.25
C GLU B 9 13.39 -7.31 6.57
N GLN B 10 12.65 -7.82 7.56
CA GLN B 10 11.37 -7.22 7.88
C GLN B 10 11.56 -5.83 8.49
N GLU B 11 12.57 -5.67 9.34
CA GLU B 11 12.81 -4.36 9.95
C GLU B 11 13.15 -3.31 8.89
N ALA B 12 13.99 -3.68 7.91
CA ALA B 12 14.36 -2.76 6.85
C ALA B 12 13.13 -2.28 6.09
N ILE B 13 12.22 -3.20 5.74
CA ILE B 13 11.01 -2.80 5.04
C ILE B 13 10.17 -1.87 5.90
N MET B 14 10.08 -2.17 7.20
CA MET B 14 9.31 -1.31 8.11
C MET B 14 9.89 0.10 8.19
N LYS B 15 11.22 0.23 8.14
CA LYS B 15 11.83 1.56 8.12
C LYS B 15 11.44 2.34 6.86
N VAL B 16 11.42 1.66 5.71
CA VAL B 16 11.02 2.35 4.48
C VAL B 16 9.60 2.86 4.61
N LEU B 17 8.68 2.01 5.13
CA LEU B 17 7.28 2.40 5.27
C LEU B 17 7.12 3.53 6.27
N GLN B 18 7.86 3.48 7.38
CA GLN B 18 7.87 4.60 8.31
C GLN B 18 8.34 5.88 7.63
N ARG B 19 9.46 5.81 6.89
CA ARG B 19 9.93 6.98 6.16
C ARG B 19 8.87 7.47 5.18
N ASP B 20 8.17 6.55 4.52
CA ASP B 20 7.13 6.97 3.57
C ASP B 20 5.98 7.66 4.29
N ALA B 21 5.55 7.12 5.44
CA ALA B 21 4.48 7.77 6.19
C ALA B 21 4.88 9.18 6.62
N ALA B 22 6.09 9.33 7.17
CA ALA B 22 6.56 10.66 7.58
C ALA B 22 6.52 11.64 6.41
N LEU B 23 7.04 11.23 5.26
CA LEU B 23 7.02 12.10 4.08
C LEU B 23 5.60 12.46 3.69
N LYS B 24 4.70 11.48 3.64
CA LYS B 24 3.33 11.75 3.20
C LYS B 24 2.60 12.68 4.16
N ARG B 25 2.91 12.60 5.45
CA ARG B 25 2.27 13.49 6.43
C ARG B 25 2.81 14.90 6.32
N ALA B 26 4.10 15.05 6.02
CA ALA B 26 4.66 16.38 5.84
C ALA B 26 4.05 17.09 4.64
N GLU B 27 3.72 16.36 3.56
CA GLU B 27 3.08 17.03 2.44
C GLU B 27 1.64 17.43 2.74
N GLU B 28 0.98 16.77 3.70
CA GLU B 28 -0.35 17.22 4.11
C GLU B 28 -0.30 18.68 4.54
N GLU B 29 0.59 19.00 5.48
CA GLU B 29 0.98 20.38 5.79
C GLU B 29 -0.22 21.28 6.12
N ASP B 42 10.23 23.86 1.35
CA ASP B 42 8.91 23.67 0.76
C ASP B 42 9.00 23.46 -0.75
N TYR B 43 7.88 23.05 -1.35
CA TYR B 43 7.81 22.76 -2.78
C TYR B 43 6.37 22.93 -3.24
N ASP B 44 6.16 22.81 -4.55
CA ASP B 44 4.83 22.97 -5.11
C ASP B 44 4.11 21.66 -5.39
N TYR B 45 4.83 20.57 -5.67
CA TYR B 45 4.21 19.30 -6.02
C TYR B 45 5.06 18.14 -5.52
N LEU B 46 4.41 17.15 -4.89
CA LEU B 46 5.04 15.85 -4.64
C LEU B 46 4.66 14.92 -5.79
N ILE B 47 5.66 14.49 -6.56
CA ILE B 47 5.47 13.58 -7.69
C ILE B 47 6.14 12.26 -7.36
N LYS B 48 5.43 11.15 -7.64
CA LYS B 48 5.85 9.82 -7.25
C LYS B 48 6.04 8.95 -8.49
N PHE B 49 7.24 8.40 -8.66
CA PHE B 49 7.58 7.44 -9.71
C PHE B 49 7.89 6.09 -9.08
N LEU B 50 7.81 5.06 -9.92
CA LEU B 50 8.22 3.74 -9.49
C LEU B 50 9.02 3.06 -10.60
N ALA B 51 10.17 2.50 -10.21
CA ALA B 51 11.00 1.73 -11.12
C ALA B 51 10.74 0.23 -10.91
N LEU B 52 10.64 -0.51 -12.01
CA LEU B 52 10.35 -1.94 -11.96
C LEU B 52 11.04 -2.63 -13.13
N GLY B 53 11.14 -3.95 -13.02
CA GLY B 53 11.86 -4.78 -13.95
C GLY B 53 12.49 -5.95 -13.24
N ASP B 54 13.04 -6.87 -14.02
CA ASP B 54 13.60 -8.10 -13.45
C ASP B 54 14.73 -7.77 -12.49
N SER B 55 15.00 -8.72 -11.59
CA SER B 55 16.08 -8.54 -10.66
C SER B 55 17.39 -8.40 -11.42
N GLY B 56 18.22 -7.45 -10.98
CA GLY B 56 19.53 -7.27 -11.55
C GLY B 56 19.60 -6.42 -12.79
N VAL B 57 18.48 -5.82 -13.23
CA VAL B 57 18.57 -5.00 -14.42
C VAL B 57 19.17 -3.62 -14.13
N GLY B 58 19.21 -3.21 -12.86
CA GLY B 58 19.85 -1.98 -12.46
C GLY B 58 18.93 -0.89 -11.93
N LYS B 59 17.75 -1.23 -11.42
CA LYS B 59 16.81 -0.21 -10.98
C LYS B 59 17.41 0.63 -9.86
N THR B 60 17.97 -0.02 -8.84
CA THR B 60 18.56 0.71 -7.71
C THR B 60 19.74 1.57 -8.18
N SER B 61 20.62 0.99 -9.00
CA SER B 61 21.74 1.74 -9.58
C SER B 61 21.26 2.96 -10.36
N VAL B 62 20.24 2.79 -11.20
CA VAL B 62 19.78 3.91 -12.02
C VAL B 62 19.33 5.08 -11.14
N LEU B 63 18.55 4.79 -10.08
CA LEU B 63 18.08 5.87 -9.20
C LEU B 63 19.24 6.48 -8.42
N TYR B 64 20.19 5.65 -8.00
CA TYR B 64 21.36 6.17 -7.29
C TYR B 64 22.18 7.10 -8.18
N GLN B 65 22.49 6.68 -9.40
CA GLN B 65 23.20 7.57 -10.32
C GLN B 65 22.45 8.88 -10.48
N TYR B 66 21.13 8.83 -10.56
CA TYR B 66 20.35 10.05 -10.79
C TYR B 66 20.42 10.99 -9.60
N THR B 67 20.19 10.47 -8.40
CA THR B 67 20.14 11.35 -7.23
C THR B 67 21.54 11.77 -6.77
N ASP B 68 22.53 10.86 -6.87
CA ASP B 68 23.83 11.10 -6.26
C ASP B 68 25.01 11.16 -7.21
N GLY B 69 24.83 10.81 -8.49
CA GLY B 69 25.95 10.77 -9.42
C GLY B 69 27.00 9.73 -9.12
N LYS B 70 26.62 8.61 -8.49
CA LYS B 70 27.57 7.60 -8.05
C LYS B 70 27.10 6.23 -8.50
N PHE B 71 28.02 5.28 -8.48
CA PHE B 71 27.76 3.94 -8.95
C PHE B 71 28.60 2.96 -8.15
N ASN B 72 27.98 1.84 -7.78
CA ASN B 72 28.67 0.75 -7.09
C ASN B 72 28.51 -0.51 -7.92
N SER B 73 29.62 -1.11 -8.32
CA SER B 73 29.59 -2.34 -9.12
C SER B 73 29.09 -3.55 -8.33
N LYS B 74 29.16 -3.53 -7.01
CA LYS B 74 28.76 -4.69 -6.22
C LYS B 74 27.24 -4.84 -6.19
N PHE B 75 26.76 -6.07 -6.29
CA PHE B 75 25.32 -6.32 -6.41
C PHE B 75 24.71 -6.47 -5.02
N ILE B 76 23.89 -5.51 -4.62
CA ILE B 76 23.17 -5.62 -3.36
C ILE B 76 21.67 -5.59 -3.68
N THR B 77 21.09 -6.78 -3.80
CA THR B 77 19.70 -6.88 -4.18
C THR B 77 18.80 -6.19 -3.16
N THR B 78 17.74 -5.56 -3.65
CA THR B 78 16.90 -4.72 -2.82
C THR B 78 15.98 -5.56 -1.93
N VAL B 79 15.89 -5.19 -0.67
CA VAL B 79 15.07 -5.93 0.29
C VAL B 79 13.63 -5.48 0.17
N GLY B 80 12.93 -5.99 -0.84
CA GLY B 80 11.52 -5.70 -1.00
C GLY B 80 11.24 -4.36 -1.63
N ILE B 81 11.56 -3.27 -0.94
CA ILE B 81 11.13 -1.96 -1.39
C ILE B 81 12.07 -0.91 -0.78
N ASP B 82 12.29 0.17 -1.52
CA ASP B 82 13.04 1.32 -1.02
C ASP B 82 12.61 2.53 -1.81
N PHE B 83 13.11 3.70 -1.44
CA PHE B 83 12.89 4.86 -2.28
C PHE B 83 13.95 5.91 -2.02
N ARG B 84 14.21 6.71 -3.02
CA ARG B 84 15.08 7.87 -2.92
C ARG B 84 14.26 9.13 -3.20
N GLU B 85 14.85 10.28 -2.94
CA GLU B 85 14.17 11.56 -3.13
C GLU B 85 15.10 12.53 -3.84
N LYS B 86 14.50 13.45 -4.58
CA LYS B 86 15.29 14.49 -5.23
C LYS B 86 14.39 15.71 -5.39
N ARG B 87 14.90 16.87 -5.00
CA ARG B 87 14.22 18.12 -5.27
C ARG B 87 14.77 18.68 -6.57
N VAL B 88 13.89 18.92 -7.54
CA VAL B 88 14.27 19.35 -8.88
C VAL B 88 13.34 20.49 -9.30
N VAL B 89 13.71 21.18 -10.38
CA VAL B 89 12.88 22.23 -10.96
C VAL B 89 12.43 21.78 -12.34
N TYR B 90 11.12 21.82 -12.56
CA TYR B 90 10.53 21.39 -13.82
C TYR B 90 10.08 22.60 -14.62
N ARG B 91 10.29 22.56 -15.93
CA ARG B 91 9.81 23.62 -16.83
C ARG B 91 9.08 23.00 -18.00
N ALA B 92 7.79 23.32 -18.11
CA ALA B 92 6.99 22.88 -19.25
C ALA B 92 7.49 23.56 -20.53
N SER B 93 7.23 22.91 -21.66
CA SER B 93 7.54 23.47 -22.96
C SER B 93 6.28 23.55 -23.82
N ARG B 101 7.42 28.96 -16.73
CA ARG B 101 8.00 29.15 -15.42
C ARG B 101 8.48 27.82 -14.81
N GLY B 102 9.49 27.91 -13.93
CA GLY B 102 10.01 26.77 -13.20
C GLY B 102 9.22 26.41 -11.96
N GLN B 103 8.74 25.17 -11.87
CA GLN B 103 8.02 24.68 -10.70
C GLN B 103 8.92 23.75 -9.89
N ARG B 104 8.92 23.94 -8.58
CA ARG B 104 9.72 23.11 -7.69
C ARG B 104 9.01 21.77 -7.48
N ILE B 105 9.70 20.68 -7.79
CA ILE B 105 9.12 19.35 -7.72
C ILE B 105 9.90 18.55 -6.70
N HIS B 106 9.19 17.91 -5.79
CA HIS B 106 9.79 16.95 -4.87
C HIS B 106 9.48 15.56 -5.43
N LEU B 107 10.50 14.90 -5.95
CA LEU B 107 10.36 13.56 -6.50
C LEU B 107 10.56 12.52 -5.42
N GLN B 108 9.61 11.61 -5.30
CA GLN B 108 9.80 10.37 -4.57
C GLN B 108 9.99 9.27 -5.61
N LEU B 109 11.13 8.61 -5.55
CA LEU B 109 11.52 7.63 -6.56
C LEU B 109 11.49 6.26 -5.91
N TRP B 110 10.40 5.52 -6.13
CA TRP B 110 10.23 4.19 -5.55
C TRP B 110 11.08 3.17 -6.29
N ASP B 111 11.65 2.26 -5.53
CA ASP B 111 12.60 1.28 -6.05
C ASP B 111 12.08 -0.09 -5.62
N THR B 112 11.61 -0.90 -6.56
CA THR B 112 11.05 -2.19 -6.18
C THR B 112 12.07 -3.30 -6.38
N ALA B 113 11.94 -4.36 -5.57
CA ALA B 113 12.74 -5.56 -5.79
C ALA B 113 12.16 -6.36 -6.95
N GLY B 114 13.04 -6.94 -7.76
CA GLY B 114 12.58 -7.72 -8.90
C GLY B 114 12.33 -9.20 -8.64
N LEU B 115 12.89 -9.74 -7.57
CA LEU B 115 12.78 -11.18 -7.32
C LEU B 115 11.33 -11.57 -7.02
N GLU B 116 10.89 -12.66 -7.65
CA GLU B 116 9.52 -13.14 -7.48
C GLU B 116 9.11 -13.23 -6.01
N ARG B 117 10.06 -13.51 -5.12
CA ARG B 117 9.71 -13.68 -3.71
C ARG B 117 9.16 -12.40 -3.09
N PHE B 118 9.36 -11.27 -3.73
CA PHE B 118 8.86 -9.98 -3.26
C PHE B 118 7.71 -9.49 -4.11
N ARG B 119 7.19 -10.32 -5.01
CA ARG B 119 6.28 -9.82 -6.04
C ARG B 119 5.03 -9.20 -5.44
N SER B 120 4.47 -9.81 -4.39
CA SER B 120 3.19 -9.28 -3.93
C SER B 120 3.39 -8.04 -3.09
N LEU B 121 4.51 -7.93 -2.38
CA LEU B 121 4.83 -6.69 -1.69
C LEU B 121 5.07 -5.55 -2.68
N THR B 122 5.81 -5.80 -3.77
CA THR B 122 6.07 -4.68 -4.70
C THR B 122 4.84 -4.30 -5.49
N THR B 123 4.00 -5.27 -5.87
CA THR B 123 2.78 -4.94 -6.61
C THR B 123 1.88 -4.03 -5.80
N ALA B 124 1.91 -4.19 -4.48
CA ALA B 124 1.15 -3.33 -3.58
C ALA B 124 1.50 -1.87 -3.73
N PHE B 125 2.68 -1.56 -4.27
CA PHE B 125 3.07 -0.16 -4.41
C PHE B 125 2.87 0.39 -5.81
N PHE B 126 2.51 -0.45 -6.80
CA PHE B 126 2.17 0.07 -8.13
C PHE B 126 1.08 1.12 -8.05
N ARG B 127 0.16 0.98 -7.10
CA ARG B 127 -0.96 1.91 -7.00
C ARG B 127 -0.58 3.26 -6.40
N ASP B 128 0.60 3.38 -5.77
CA ASP B 128 1.08 4.65 -5.24
C ASP B 128 1.83 5.50 -6.27
N ALA B 129 2.11 4.98 -7.45
CA ALA B 129 2.97 5.66 -8.41
C ALA B 129 2.15 6.50 -9.37
N MET B 130 2.70 7.65 -9.76
CA MET B 130 2.05 8.44 -10.81
C MET B 130 2.56 8.10 -12.20
N GLY B 131 3.70 7.43 -12.30
CA GLY B 131 4.23 6.97 -13.57
C GLY B 131 5.33 5.99 -13.28
N PHE B 132 5.78 5.32 -14.34
CA PHE B 132 6.64 4.16 -14.15
C PHE B 132 7.87 4.21 -15.05
N LEU B 133 8.99 3.81 -14.47
CA LEU B 133 10.25 3.63 -15.18
C LEU B 133 10.47 2.13 -15.28
N LEU B 134 10.30 1.59 -16.48
CA LEU B 134 10.34 0.16 -16.71
C LEU B 134 11.69 -0.20 -17.33
N LEU B 135 12.47 -1.01 -16.64
CA LEU B 135 13.82 -1.30 -17.05
C LEU B 135 13.94 -2.73 -17.54
N PHE B 136 14.77 -2.91 -18.55
CA PHE B 136 15.40 -4.18 -18.82
C PHE B 136 16.90 -3.94 -18.96
N ASP B 137 17.62 -5.04 -19.08
CA ASP B 137 19.07 -5.12 -19.13
C ASP B 137 19.48 -5.48 -20.57
N LEU B 138 20.17 -4.56 -21.25
CA LEU B 138 20.59 -4.79 -22.63
C LEU B 138 21.47 -6.02 -22.79
N THR B 139 22.05 -6.53 -21.70
CA THR B 139 22.88 -7.72 -21.74
C THR B 139 22.14 -8.99 -21.31
N ASN B 140 20.81 -8.94 -21.12
CA ASN B 140 20.03 -10.11 -20.67
C ASN B 140 18.73 -10.17 -21.47
N GLU B 141 18.66 -11.09 -22.42
CA GLU B 141 17.54 -11.12 -23.35
C GLU B 141 16.22 -11.46 -22.65
N GLN B 142 16.27 -12.33 -21.64
CA GLN B 142 15.05 -12.71 -20.94
C GLN B 142 14.40 -11.52 -20.25
N SER B 143 15.22 -10.65 -19.61
CA SER B 143 14.68 -9.43 -19.01
C SER B 143 13.94 -8.58 -20.03
N PHE B 144 14.41 -8.57 -21.28
CA PHE B 144 13.69 -7.81 -22.30
C PHE B 144 12.41 -8.53 -22.72
N LEU B 145 12.44 -9.87 -22.78
CA LEU B 145 11.23 -10.57 -23.16
C LEU B 145 10.15 -10.43 -22.09
N ASN B 146 10.54 -10.24 -20.83
CA ASN B 146 9.59 -10.08 -19.74
C ASN B 146 8.97 -8.70 -19.70
N VAL B 147 9.39 -7.78 -20.57
CA VAL B 147 8.88 -6.42 -20.53
C VAL B 147 7.37 -6.38 -20.75
N ARG B 148 6.85 -7.22 -21.66
CA ARG B 148 5.42 -7.13 -21.94
C ARG B 148 4.59 -7.63 -20.78
N ASN B 149 5.11 -8.60 -20.03
CA ASN B 149 4.42 -9.06 -18.83
C ASN B 149 4.36 -7.95 -17.80
N TRP B 150 5.50 -7.28 -17.56
CA TRP B 150 5.55 -6.15 -16.64
C TRP B 150 4.50 -5.11 -17.00
N ILE B 151 4.40 -4.79 -18.29
CA ILE B 151 3.40 -3.82 -18.74
C ILE B 151 2.00 -4.32 -18.45
N SER B 152 1.78 -5.63 -18.62
CA SER B 152 0.49 -6.21 -18.28
C SER B 152 0.17 -6.01 -16.81
N GLN B 153 1.14 -6.21 -15.93
CA GLN B 153 0.91 -6.04 -14.50
C GLN B 153 0.61 -4.59 -14.17
N LEU B 154 1.29 -3.66 -14.85
CA LEU B 154 1.01 -2.24 -14.68
C LEU B 154 -0.38 -1.89 -15.16
N GLN B 155 -0.78 -2.44 -16.31
CA GLN B 155 -2.13 -2.17 -16.79
C GLN B 155 -3.15 -2.71 -15.81
N MET B 156 -2.81 -3.79 -15.12
CA MET B 156 -3.76 -4.42 -14.22
C MET B 156 -3.77 -3.75 -12.83
N HIS B 157 -2.67 -3.12 -12.40
CA HIS B 157 -2.55 -2.67 -11.01
C HIS B 157 -2.35 -1.18 -10.81
N ALA B 158 -2.05 -0.41 -11.84
CA ALA B 158 -1.74 0.99 -11.62
C ALA B 158 -3.04 1.77 -11.44
N TYR B 159 -2.91 3.06 -11.18
CA TYR B 159 -4.08 3.92 -10.97
C TYR B 159 -4.95 3.98 -12.21
N SER B 160 -4.37 3.73 -13.38
CA SER B 160 -5.08 3.77 -14.64
C SER B 160 -4.66 2.56 -15.46
N GLU B 161 -5.56 2.10 -16.32
CA GLU B 161 -5.18 1.04 -17.23
C GLU B 161 -4.23 1.52 -18.33
N ASN B 162 -4.01 2.83 -18.45
CA ASN B 162 -3.07 3.37 -19.45
C ASN B 162 -2.10 4.34 -18.78
N PRO B 163 -1.27 3.86 -17.86
CA PRO B 163 -0.37 4.75 -17.14
C PRO B 163 0.83 5.13 -17.98
N ASP B 164 1.43 6.27 -17.63
CA ASP B 164 2.66 6.70 -18.30
C ASP B 164 3.82 5.79 -17.92
N ILE B 165 4.54 5.32 -18.94
CA ILE B 165 5.65 4.40 -18.78
C ILE B 165 6.80 4.93 -19.63
N VAL B 166 8.00 4.90 -19.09
CA VAL B 166 9.20 5.14 -19.86
C VAL B 166 10.03 3.88 -19.81
N LEU B 167 10.35 3.32 -20.97
CA LEU B 167 11.13 2.11 -21.05
C LEU B 167 12.62 2.44 -21.13
N CYS B 168 13.42 1.77 -20.31
CA CYS B 168 14.86 1.94 -20.32
C CYS B 168 15.57 0.63 -20.60
N GLY B 169 16.40 0.64 -21.62
CA GLY B 169 17.34 -0.46 -21.79
C GLY B 169 18.62 -0.05 -21.11
N ASN B 170 18.91 -0.65 -19.96
CA ASN B 170 20.01 -0.21 -19.11
C ASN B 170 21.26 -1.05 -19.39
N LYS B 171 22.39 -0.55 -18.86
CA LYS B 171 23.71 -1.15 -19.04
C LYS B 171 24.23 -0.98 -20.47
N SER B 172 23.97 0.19 -21.07
CA SER B 172 24.48 0.48 -22.40
C SER B 172 25.99 0.60 -22.44
N ASP B 173 26.63 0.76 -21.30
CA ASP B 173 28.08 0.86 -21.32
C ASP B 173 28.74 -0.48 -21.57
N LEU B 174 27.99 -1.58 -21.51
CA LEU B 174 28.55 -2.91 -21.70
C LEU B 174 28.30 -3.41 -23.13
N GLU B 175 28.88 -2.66 -24.09
CA GLU B 175 28.56 -2.89 -25.51
C GLU B 175 29.01 -4.26 -25.98
N ASP B 176 30.08 -4.79 -25.41
CA ASP B 176 30.56 -6.10 -25.83
C ASP B 176 29.72 -7.23 -25.27
N GLN B 177 28.74 -6.93 -24.42
CA GLN B 177 27.84 -7.95 -23.90
C GLN B 177 26.41 -7.73 -24.31
N ARG B 178 26.12 -6.71 -25.09
CA ARG B 178 24.76 -6.45 -25.54
C ARG B 178 24.19 -7.65 -26.28
N VAL B 179 22.93 -7.99 -25.98
CA VAL B 179 22.21 -8.99 -26.77
C VAL B 179 20.91 -8.47 -27.31
N VAL B 180 20.32 -7.41 -26.78
CA VAL B 180 19.07 -6.87 -27.32
C VAL B 180 19.41 -5.88 -28.43
N LYS B 181 19.00 -6.20 -29.64
CA LYS B 181 19.24 -5.29 -30.75
C LYS B 181 18.39 -4.05 -30.58
N GLU B 182 18.99 -2.88 -30.81
CA GLU B 182 18.27 -1.62 -30.64
C GLU B 182 16.99 -1.60 -31.45
N GLU B 183 17.01 -2.18 -32.66
CA GLU B 183 15.84 -2.17 -33.51
C GLU B 183 14.68 -2.95 -32.87
N GLU B 184 15.00 -4.08 -32.23
CA GLU B 184 13.96 -4.85 -31.54
C GLU B 184 13.36 -4.04 -30.39
N ALA B 185 14.19 -3.26 -29.69
CA ALA B 185 13.68 -2.49 -28.57
C ALA B 185 12.85 -1.29 -29.04
N ILE B 186 13.31 -0.61 -30.10
CA ILE B 186 12.52 0.49 -30.63
C ILE B 186 11.18 -0.01 -31.13
N ALA B 187 11.17 -1.18 -31.77
CA ALA B 187 9.93 -1.73 -32.31
C ALA B 187 8.92 -2.02 -31.19
N LEU B 188 9.37 -2.68 -30.12
CA LEU B 188 8.49 -2.94 -28.99
C LEU B 188 7.92 -1.64 -28.42
N ALA B 189 8.78 -0.64 -28.22
CA ALA B 189 8.33 0.60 -27.61
C ALA B 189 7.32 1.36 -28.47
N GLU B 190 7.45 1.28 -29.79
N GLU B 190 7.48 1.30 -29.79
CA GLU B 190 6.50 2.01 -30.63
CA GLU B 190 6.52 1.99 -30.65
C GLU B 190 5.19 1.25 -30.83
C GLU B 190 5.17 1.27 -30.67
N LYS B 191 5.19 -0.08 -30.63
CA LYS B 191 3.94 -0.82 -30.58
C LYS B 191 3.09 -0.41 -29.39
N TYR B 192 3.72 -0.11 -28.24
CA TYR B 192 2.96 0.26 -27.06
C TYR B 192 2.78 1.78 -26.92
N GLY B 193 3.45 2.58 -27.75
CA GLY B 193 3.33 4.02 -27.60
C GLY B 193 4.10 4.61 -26.43
N ILE B 194 5.25 4.03 -26.07
CA ILE B 194 5.99 4.53 -24.91
C ILE B 194 7.41 4.93 -25.29
N PRO B 195 7.94 6.00 -24.71
CA PRO B 195 9.31 6.43 -25.04
C PRO B 195 10.35 5.43 -24.59
N TYR B 196 11.44 5.35 -25.34
CA TYR B 196 12.50 4.39 -25.06
C TYR B 196 13.83 5.11 -24.96
N PHE B 197 14.64 4.72 -23.97
CA PHE B 197 15.98 5.26 -23.77
C PHE B 197 16.94 4.13 -23.46
N GLU B 198 18.12 4.19 -24.05
CA GLU B 198 19.20 3.33 -23.63
C GLU B 198 20.05 4.09 -22.62
N THR B 199 20.21 3.51 -21.44
CA THR B 199 20.81 4.17 -20.29
C THR B 199 22.00 3.37 -19.78
N SER B 200 22.87 4.04 -19.01
CA SER B 200 23.90 3.39 -18.23
C SER B 200 23.91 4.00 -16.85
N ALA B 201 23.64 3.17 -15.83
CA ALA B 201 23.78 3.66 -14.46
C ALA B 201 25.24 3.85 -14.06
N ALA B 202 26.16 3.20 -14.77
CA ALA B 202 27.58 3.32 -14.43
C ALA B 202 28.10 4.70 -14.80
N ASN B 203 27.72 5.24 -15.97
CA ASN B 203 28.24 6.53 -16.41
C ASN B 203 27.20 7.63 -16.57
N GLY B 204 25.92 7.38 -16.27
CA GLY B 204 24.91 8.42 -16.28
C GLY B 204 24.21 8.68 -17.60
N THR B 205 24.63 8.04 -18.69
CA THR B 205 24.06 8.31 -20.02
C THR B 205 22.55 8.12 -20.03
N ASN B 206 21.84 9.15 -20.47
CA ASN B 206 20.39 9.18 -20.68
C ASN B 206 19.54 9.01 -19.42
N ILE B 207 20.20 8.83 -18.26
CA ILE B 207 19.46 8.68 -17.02
C ILE B 207 18.56 9.88 -16.76
N SER B 208 19.15 11.08 -16.74
CA SER B 208 18.30 12.22 -16.42
C SER B 208 17.33 12.51 -17.56
N GLN B 209 17.71 12.19 -18.81
CA GLN B 209 16.80 12.39 -19.93
C GLN B 209 15.57 11.51 -19.80
N ALA B 210 15.76 10.26 -19.39
CA ALA B 210 14.63 9.34 -19.29
C ALA B 210 13.71 9.75 -18.16
N ILE B 211 14.28 10.15 -17.03
CA ILE B 211 13.45 10.53 -15.89
C ILE B 211 12.73 11.85 -16.15
N GLU B 212 13.43 12.81 -16.77
CA GLU B 212 12.78 14.08 -17.08
C GLU B 212 11.65 13.89 -18.09
N MET B 213 11.82 12.95 -19.02
CA MET B 213 10.73 12.63 -19.93
C MET B 213 9.51 12.09 -19.17
N LEU B 214 9.74 11.20 -18.20
CA LEU B 214 8.63 10.67 -17.43
C LEU B 214 7.93 11.77 -16.65
N LEU B 215 8.72 12.68 -16.06
CA LEU B 215 8.14 13.78 -15.30
C LEU B 215 7.30 14.67 -16.19
N ASP B 216 7.80 15.01 -17.39
CA ASP B 216 7.04 15.84 -18.31
C ASP B 216 5.73 15.17 -18.71
N LEU B 217 5.78 13.88 -19.04
CA LEU B 217 4.57 13.12 -19.33
C LEU B 217 3.56 13.22 -18.19
N ILE B 218 4.05 13.26 -16.96
CA ILE B 218 3.17 13.27 -15.80
C ILE B 218 2.66 14.68 -15.51
N MET B 219 3.52 15.68 -15.69
CA MET B 219 3.10 17.07 -15.48
C MET B 219 2.01 17.46 -16.48
N LYS B 220 2.17 17.06 -17.74
CA LYS B 220 1.18 17.38 -18.76
C LYS B 220 -0.14 16.70 -18.46
N ARG B 221 -0.11 15.41 -18.14
CA ARG B 221 -1.36 14.72 -17.80
C ARG B 221 -1.98 15.26 -16.53
N MET B 222 -1.17 15.78 -15.61
CA MET B 222 -1.73 16.37 -14.41
C MET B 222 -2.37 17.71 -14.70
N GLU B 223 -1.78 18.50 -15.60
CA GLU B 223 -2.35 19.80 -15.94
C GLU B 223 -3.70 19.61 -16.62
N ARG B 224 -3.79 18.69 -17.57
CA ARG B 224 -5.05 18.40 -18.23
C ARG B 224 -5.81 17.37 -17.40
N CYS B 225 -6.39 17.58 -16.12
CA CYS B 225 -7.18 16.85 -15.14
C CYS B 225 -8.44 17.62 -14.76
#